data_1JET
#
_entry.id   1JET
#
_cell.length_a   109.190
_cell.length_b   76.040
_cell.length_c   70.280
_cell.angle_alpha   90.00
_cell.angle_beta   90.00
_cell.angle_gamma   90.00
#
_symmetry.space_group_name_H-M   'P 21 21 21'
#
loop_
_entity.id
_entity.type
_entity.pdbx_description
1 polymer 'OLIGO-PEPTIDE BINDING PROTEIN'
2 polymer 'PEPTIDE LYS ALA LYS'
3 non-polymer 'URANYL (VI) ION'
4 water water
#
loop_
_entity_poly.entity_id
_entity_poly.type
_entity_poly.pdbx_seq_one_letter_code
_entity_poly.pdbx_strand_id
1 'polypeptide(L)'
;ADVPAGVQLADKQTLVRNNGSEVQSLDPHKIEGVPESNVSRDLFEGLLISDVEGHPSPGVAEKWENKDFKVWTFHLRENA
KWSDGTPVTAHDFVYSWQRLADPNTASPYASYLQYGHIANIDDIIAGKKPATDLGVKALDDHTFEVTLSEPVPYFYKLLV
HPSVSPVPKSAVEKFGDKWTQPANIVTNGAYKLKNWVVNERIVLERNPQYWDNAKTVINQVTYLPISSEVTDVNRYRSGE
IDMTYNNMPIELFQKLKKEIPNEVRVDPYLCTYYYEINNQKAPFNDVRVRTALKLALDRDIIVNKVKNQGDLPAYSYTPP
YTDGAKLVEPEWFKWSQQKRNEEAKKLLAEAGFTADKPLTFDLLYNTSDLHKKLAIAVASIWKKNLGVNVNLENQEWKTF
LDTRHQGTFDVARAGWCADYNEPTSFLNTMLSDSSNNTAHYKSPAFDKLIADTLKVADDTQRSELYAKAEQQLDKDSAIV
PVYYYVNARLVKPWVGGYTGKDPLDNIYVKNLYIIKH
;
A
2 'polypeptide(L)' KAK B
#
# COMPACT_ATOMS: atom_id res chain seq x y z
N ALA A 1 -2.08 -19.40 13.88
CA ALA A 1 -3.49 -19.15 14.28
C ALA A 1 -3.73 -19.54 15.74
N ASP A 2 -4.59 -18.80 16.41
CA ASP A 2 -4.95 -19.11 17.80
C ASP A 2 -6.44 -19.46 17.83
N VAL A 3 -6.72 -20.74 17.70
CA VAL A 3 -8.11 -21.21 17.66
C VAL A 3 -8.71 -21.24 19.06
N PRO A 4 -9.72 -20.41 19.26
CA PRO A 4 -10.44 -20.30 20.53
C PRO A 4 -10.89 -21.67 21.02
N ALA A 5 -10.78 -21.90 22.32
CA ALA A 5 -11.22 -23.17 22.90
C ALA A 5 -12.67 -23.39 22.53
N GLY A 6 -13.04 -24.61 22.16
CA GLY A 6 -14.41 -24.90 21.81
C GLY A 6 -14.82 -24.69 20.37
N VAL A 7 -14.03 -24.05 19.50
CA VAL A 7 -14.51 -23.92 18.11
C VAL A 7 -14.19 -25.25 17.41
N GLN A 8 -15.11 -25.68 16.57
CA GLN A 8 -14.93 -26.92 15.82
C GLN A 8 -14.28 -26.56 14.47
N LEU A 9 -13.14 -27.19 14.17
CA LEU A 9 -12.48 -26.91 12.91
C LEU A 9 -12.99 -27.80 11.78
N ALA A 10 -13.11 -27.19 10.60
CA ALA A 10 -13.54 -27.92 9.41
C ALA A 10 -12.47 -28.99 9.11
N ASP A 11 -12.87 -30.05 8.45
CA ASP A 11 -11.92 -31.11 8.12
C ASP A 11 -10.93 -30.60 7.07
N LYS A 12 -11.45 -29.86 6.10
CA LYS A 12 -10.62 -29.28 5.05
C LYS A 12 -10.32 -27.81 5.39
N GLN A 13 -9.03 -27.56 5.59
CA GLN A 13 -8.56 -26.22 5.93
C GLN A 13 -7.96 -25.54 4.70
N THR A 14 -8.87 -25.13 3.81
CA THR A 14 -8.45 -24.45 2.58
C THR A 14 -9.19 -23.11 2.50
N LEU A 15 -8.55 -22.16 1.84
CA LEU A 15 -9.14 -20.81 1.73
C LEU A 15 -8.99 -20.27 0.32
N VAL A 16 -10.00 -19.55 -0.13
CA VAL A 16 -9.96 -18.88 -1.42
C VAL A 16 -10.20 -17.39 -1.16
N ARG A 17 -9.23 -16.57 -1.56
CA ARG A 17 -9.32 -15.13 -1.39
C ARG A 17 -9.24 -14.41 -2.73
N ASN A 18 -10.08 -13.40 -2.95
CA ASN A 18 -9.91 -12.63 -4.18
C ASN A 18 -8.79 -11.60 -3.87
N ASN A 19 -7.99 -11.27 -4.86
CA ASN A 19 -6.85 -10.39 -4.64
C ASN A 19 -6.84 -9.17 -5.52
N GLY A 20 -7.99 -8.81 -6.11
CA GLY A 20 -8.14 -7.63 -6.91
C GLY A 20 -7.53 -7.55 -8.26
N SER A 21 -6.38 -8.15 -8.54
CA SER A 21 -5.74 -8.11 -9.83
C SER A 21 -4.59 -9.13 -9.89
N GLU A 22 -4.02 -9.24 -11.09
CA GLU A 22 -2.85 -10.10 -11.27
C GLU A 22 -1.69 -9.33 -10.64
N VAL A 23 -0.91 -10.00 -9.80
CA VAL A 23 0.20 -9.32 -9.13
C VAL A 23 1.23 -8.83 -10.12
N GLN A 24 1.95 -7.78 -9.73
CA GLN A 24 3.03 -7.25 -10.55
C GLN A 24 4.15 -8.32 -10.63
N SER A 25 4.39 -8.92 -9.48
CA SER A 25 5.47 -9.87 -9.30
C SER A 25 5.34 -10.57 -7.94
N LEU A 26 6.13 -11.62 -7.73
CA LEU A 26 6.18 -12.30 -6.45
C LEU A 26 7.53 -11.96 -5.79
N ASP A 27 8.33 -11.18 -6.51
CA ASP A 27 9.65 -10.76 -5.99
C ASP A 27 9.42 -9.56 -5.09
N PRO A 28 9.74 -9.67 -3.80
CA PRO A 28 9.56 -8.61 -2.82
C PRO A 28 10.15 -7.28 -3.18
N HIS A 29 11.19 -7.24 -4.04
CA HIS A 29 11.83 -6.01 -4.45
C HIS A 29 11.26 -5.42 -5.73
N LYS A 30 10.27 -6.09 -6.33
CA LYS A 30 9.68 -5.59 -7.57
C LYS A 30 8.22 -5.25 -7.41
N ILE A 31 7.74 -5.13 -6.17
CA ILE A 31 6.32 -4.89 -5.91
C ILE A 31 6.06 -3.61 -5.12
N GLU A 32 4.81 -3.10 -5.28
CA GLU A 32 4.46 -1.90 -4.53
C GLU A 32 3.01 -1.85 -4.12
N GLY A 33 2.19 -2.81 -4.56
CA GLY A 33 0.76 -2.73 -4.26
C GLY A 33 0.20 -3.64 -3.21
N VAL A 34 -1.10 -3.39 -2.92
CA VAL A 34 -1.83 -4.21 -1.96
C VAL A 34 -1.96 -5.64 -2.39
N PRO A 35 -2.35 -5.94 -3.62
CA PRO A 35 -2.45 -7.31 -4.10
C PRO A 35 -1.13 -8.07 -3.99
N GLU A 36 -0.03 -7.40 -4.36
CA GLU A 36 1.30 -7.98 -4.28
C GLU A 36 1.67 -8.31 -2.83
N SER A 37 1.43 -7.36 -1.93
CA SER A 37 1.75 -7.52 -0.52
C SER A 37 0.90 -8.58 0.15
N ASN A 38 -0.35 -8.76 -0.29
CA ASN A 38 -1.23 -9.78 0.26
C ASN A 38 -0.59 -11.16 0.11
N VAL A 39 -0.07 -11.43 -1.10
CA VAL A 39 0.58 -12.72 -1.34
C VAL A 39 1.96 -12.73 -0.67
N SER A 40 2.68 -11.61 -0.74
CA SER A 40 4.00 -11.54 -0.13
C SER A 40 4.04 -11.90 1.33
N ARG A 41 3.07 -11.43 2.13
CA ARG A 41 3.07 -11.74 3.57
C ARG A 41 2.98 -13.22 3.87
N ASP A 42 2.35 -14.01 2.98
CA ASP A 42 2.24 -15.43 3.18
C ASP A 42 3.51 -16.17 2.77
N LEU A 43 4.29 -15.63 1.85
CA LEU A 43 5.48 -16.28 1.36
C LEU A 43 6.80 -15.81 1.96
N PHE A 44 6.96 -14.51 2.23
CA PHE A 44 8.24 -14.01 2.73
C PHE A 44 8.03 -13.29 4.06
N GLU A 45 8.87 -13.66 5.05
CA GLU A 45 8.74 -13.04 6.37
C GLU A 45 9.99 -12.28 6.75
N GLY A 46 9.82 -11.01 7.13
CA GLY A 46 10.90 -10.14 7.52
C GLY A 46 11.21 -10.22 9.01
N LEU A 47 11.91 -9.20 9.49
CA LEU A 47 12.34 -9.13 10.89
C LEU A 47 11.14 -9.15 11.85
N LEU A 48 10.16 -8.30 11.57
CA LEU A 48 8.95 -8.19 12.35
C LEU A 48 7.76 -8.49 11.43
N ILE A 49 6.65 -8.87 12.03
CA ILE A 49 5.39 -9.12 11.31
C ILE A 49 4.30 -8.40 12.11
N SER A 50 3.11 -8.23 11.54
CA SER A 50 2.02 -7.64 12.32
C SER A 50 1.27 -8.79 13.01
N ASP A 51 0.84 -8.59 14.24
CA ASP A 51 0.05 -9.67 14.88
C ASP A 51 -1.35 -9.57 14.30
N VAL A 52 -2.34 -10.31 14.81
CA VAL A 52 -3.70 -10.26 14.27
C VAL A 52 -4.39 -8.93 14.41
N GLU A 53 -3.92 -8.04 15.28
CA GLU A 53 -4.51 -6.72 15.44
C GLU A 53 -3.64 -5.64 14.85
N GLY A 54 -2.57 -6.03 14.15
CA GLY A 54 -1.70 -5.07 13.51
C GLY A 54 -0.54 -4.55 14.31
N HIS A 55 -0.30 -5.01 15.53
CA HIS A 55 0.85 -4.52 16.29
C HIS A 55 2.14 -5.16 15.77
N PRO A 56 3.17 -4.36 15.58
CA PRO A 56 4.49 -4.85 15.15
C PRO A 56 4.89 -5.93 16.13
N SER A 57 5.24 -7.11 15.67
CA SER A 57 5.58 -8.25 16.51
C SER A 57 6.74 -9.05 15.93
N PRO A 58 7.28 -9.95 16.73
CA PRO A 58 8.40 -10.77 16.33
C PRO A 58 8.12 -11.55 15.05
N GLY A 59 9.05 -11.45 14.09
CA GLY A 59 8.94 -12.23 12.84
C GLY A 59 10.16 -13.16 12.85
N VAL A 60 11.10 -12.93 11.93
CA VAL A 60 12.34 -13.74 11.98
C VAL A 60 13.11 -13.31 13.22
N ALA A 61 13.05 -12.03 13.58
CA ALA A 61 13.71 -11.54 14.79
C ALA A 61 12.82 -11.81 16.01
N GLU A 62 13.34 -12.51 17.03
CA GLU A 62 12.53 -12.79 18.22
C GLU A 62 12.63 -11.65 19.23
N LYS A 63 13.71 -10.89 19.17
CA LYS A 63 13.89 -9.75 20.07
C LYS A 63 14.88 -8.78 19.44
N TRP A 64 14.77 -7.52 19.85
CA TRP A 64 15.61 -6.47 19.30
C TRP A 64 15.77 -5.35 20.30
N GLU A 65 16.84 -4.58 20.11
CA GLU A 65 17.14 -3.45 20.96
C GLU A 65 17.57 -2.28 20.05
N ASN A 66 17.57 -1.09 20.62
CA ASN A 66 18.03 0.07 19.87
C ASN A 66 18.95 0.90 20.79
N LYS A 67 19.94 1.50 20.14
CA LYS A 67 20.88 2.38 20.85
C LYS A 67 20.65 3.77 20.27
N ASP A 68 20.03 4.65 21.06
CA ASP A 68 19.71 6.01 20.70
C ASP A 68 18.76 6.11 19.51
N PHE A 69 18.03 5.06 19.18
CA PHE A 69 17.14 4.95 18.05
C PHE A 69 17.92 5.03 16.72
N LYS A 70 19.23 4.83 16.75
CA LYS A 70 20.06 4.90 15.56
C LYS A 70 20.68 3.57 15.20
N VAL A 71 21.00 2.75 16.20
CA VAL A 71 21.56 1.44 15.93
C VAL A 71 20.57 0.40 16.48
N TRP A 72 20.01 -0.34 15.53
CA TRP A 72 19.00 -1.35 15.88
C TRP A 72 19.58 -2.73 15.72
N THR A 73 19.51 -3.54 16.77
CA THR A 73 20.06 -4.89 16.74
C THR A 73 18.95 -5.91 16.85
N PHE A 74 18.87 -6.77 15.84
CA PHE A 74 17.84 -7.79 15.76
C PHE A 74 18.39 -9.18 16.01
N HIS A 75 17.84 -9.86 17.01
CA HIS A 75 18.24 -11.23 17.34
C HIS A 75 17.33 -12.20 16.64
N LEU A 76 17.85 -12.89 15.63
CA LEU A 76 17.06 -13.81 14.82
C LEU A 76 16.91 -15.18 15.45
N ARG A 77 15.66 -15.68 15.42
CA ARG A 77 15.41 -17.00 16.02
C ARG A 77 16.24 -18.05 15.30
N GLU A 78 16.80 -18.98 16.07
CA GLU A 78 17.66 -20.03 15.53
C GLU A 78 16.96 -20.99 14.58
N ASN A 79 15.67 -21.20 14.77
CA ASN A 79 14.91 -22.12 13.94
C ASN A 79 14.24 -21.51 12.72
N ALA A 80 14.57 -20.27 12.37
CA ALA A 80 13.98 -19.66 11.17
C ALA A 80 14.58 -20.40 9.96
N LYS A 81 13.74 -20.88 9.06
CA LYS A 81 14.20 -21.61 7.90
C LYS A 81 13.44 -21.27 6.61
N TRP A 82 14.11 -21.51 5.49
CA TRP A 82 13.52 -21.37 4.17
C TRP A 82 12.75 -22.66 3.89
N SER A 83 11.96 -22.67 2.83
CA SER A 83 11.17 -23.84 2.46
C SER A 83 11.99 -25.03 2.00
N ASP A 84 13.27 -24.82 1.67
CA ASP A 84 14.15 -25.89 1.26
C ASP A 84 14.91 -26.49 2.45
N GLY A 85 14.57 -26.08 3.67
CA GLY A 85 15.18 -26.57 4.88
C GLY A 85 16.37 -25.80 5.37
N THR A 86 16.91 -24.90 4.56
CA THR A 86 18.08 -24.12 4.95
C THR A 86 17.68 -22.97 5.86
N PRO A 87 18.58 -22.61 6.77
CA PRO A 87 18.36 -21.58 7.74
C PRO A 87 18.22 -20.17 7.17
N VAL A 88 17.37 -19.37 7.82
CA VAL A 88 17.26 -17.95 7.43
C VAL A 88 18.30 -17.26 8.33
N THR A 89 19.23 -16.53 7.74
CA THR A 89 20.29 -15.91 8.55
C THR A 89 20.33 -14.40 8.38
N ALA A 90 21.18 -13.74 9.17
CA ALA A 90 21.36 -12.29 9.06
C ALA A 90 21.96 -11.93 7.70
N HIS A 91 22.72 -12.86 7.12
CA HIS A 91 23.33 -12.67 5.81
C HIS A 91 22.27 -12.55 4.73
N ASP A 92 21.16 -13.29 4.87
CA ASP A 92 20.05 -13.19 3.93
C ASP A 92 19.50 -11.76 3.90
N PHE A 93 19.37 -11.18 5.10
CA PHE A 93 18.88 -9.81 5.24
C PHE A 93 19.87 -8.80 4.69
N VAL A 94 21.18 -9.02 4.91
CA VAL A 94 22.17 -8.10 4.37
C VAL A 94 22.08 -8.09 2.85
N TYR A 95 22.08 -9.28 2.25
CA TYR A 95 21.98 -9.40 0.80
C TYR A 95 20.71 -8.72 0.31
N SER A 96 19.59 -9.11 0.92
CA SER A 96 18.28 -8.59 0.52
C SER A 96 18.16 -7.09 0.59
N TRP A 97 18.58 -6.45 1.69
CA TRP A 97 18.46 -4.98 1.79
C TRP A 97 19.42 -4.31 0.82
N GLN A 98 20.57 -4.94 0.53
CA GLN A 98 21.48 -4.37 -0.46
C GLN A 98 20.84 -4.41 -1.86
N ARG A 99 20.18 -5.52 -2.19
CA ARG A 99 19.52 -5.67 -3.49
C ARG A 99 18.39 -4.64 -3.63
N LEU A 100 17.67 -4.40 -2.53
CA LEU A 100 16.60 -3.40 -2.54
C LEU A 100 17.15 -2.01 -2.85
N ALA A 101 18.28 -1.67 -2.24
CA ALA A 101 18.95 -0.39 -2.41
C ALA A 101 19.62 -0.20 -3.77
N ASP A 102 20.08 -1.29 -4.38
CA ASP A 102 20.78 -1.25 -5.65
C ASP A 102 19.92 -0.69 -6.77
N PRO A 103 20.37 0.37 -7.41
CA PRO A 103 19.72 1.01 -8.53
C PRO A 103 19.41 0.04 -9.65
N ASN A 104 20.26 -0.97 -9.87
CA ASN A 104 20.04 -1.98 -10.89
C ASN A 104 18.83 -2.85 -10.64
N THR A 105 18.37 -2.96 -9.38
CA THR A 105 17.15 -3.72 -9.09
C THR A 105 15.92 -2.93 -9.50
N ALA A 106 16.07 -1.60 -9.55
CA ALA A 106 15.01 -0.69 -9.94
C ALA A 106 13.72 -0.93 -9.16
N SER A 107 13.86 -1.13 -7.85
CA SER A 107 12.67 -1.37 -7.04
C SER A 107 11.88 -0.08 -6.87
N PRO A 108 10.56 -0.20 -6.93
CA PRO A 108 9.64 0.90 -6.67
C PRO A 108 9.71 1.30 -5.19
N TYR A 109 10.23 0.39 -4.35
CA TYR A 109 10.39 0.65 -2.94
C TYR A 109 11.83 0.83 -2.50
N ALA A 110 12.71 1.21 -3.44
CA ALA A 110 14.10 1.51 -3.09
C ALA A 110 14.15 2.57 -2.00
N SER A 111 13.28 3.58 -2.09
CA SER A 111 13.22 4.66 -1.13
C SER A 111 12.75 4.25 0.26
N TYR A 112 12.27 3.03 0.47
CA TYR A 112 11.87 2.57 1.80
C TYR A 112 13.08 2.63 2.74
N LEU A 113 14.28 2.42 2.21
CA LEU A 113 15.52 2.51 3.00
C LEU A 113 15.86 3.95 3.32
N GLN A 114 15.38 4.92 2.54
CA GLN A 114 15.55 6.33 2.83
C GLN A 114 14.56 6.75 3.93
N TYR A 115 13.36 6.15 3.91
CA TYR A 115 12.32 6.43 4.90
C TYR A 115 12.79 6.02 6.30
N GLY A 116 13.55 4.92 6.36
CA GLY A 116 14.10 4.42 7.61
C GLY A 116 15.45 5.08 7.90
N HIS A 117 16.01 5.77 6.92
CA HIS A 117 17.28 6.46 7.03
C HIS A 117 18.46 5.54 7.26
N ILE A 118 18.48 4.39 6.57
CA ILE A 118 19.62 3.48 6.72
C ILE A 118 20.85 4.25 6.18
N ALA A 119 21.96 4.13 6.89
CA ALA A 119 23.18 4.83 6.51
C ALA A 119 23.57 4.56 5.06
N ASN A 120 23.98 5.61 4.37
CA ASN A 120 24.46 5.63 3.01
C ASN A 120 23.45 5.36 1.91
N ILE A 121 22.16 5.31 2.21
CA ILE A 121 21.15 5.01 1.19
C ILE A 121 21.07 6.01 0.05
N ASP A 122 21.18 7.30 0.31
CA ASP A 122 21.09 8.31 -0.76
C ASP A 122 22.19 8.12 -1.80
N ASP A 123 23.43 7.95 -1.36
CA ASP A 123 24.55 7.74 -2.26
C ASP A 123 24.42 6.47 -3.08
N ILE A 124 23.92 5.39 -2.46
CA ILE A 124 23.72 4.12 -3.16
C ILE A 124 22.64 4.27 -4.22
N ILE A 125 21.52 4.91 -3.86
CA ILE A 125 20.43 5.12 -4.81
C ILE A 125 20.91 5.96 -5.99
N ALA A 126 21.74 6.96 -5.76
CA ALA A 126 22.28 7.84 -6.77
C ALA A 126 23.44 7.26 -7.57
N GLY A 127 23.88 6.04 -7.28
CA GLY A 127 24.96 5.37 -7.97
C GLY A 127 26.34 5.87 -7.57
N LYS A 128 26.43 6.60 -6.48
CA LYS A 128 27.68 7.15 -5.99
C LYS A 128 28.43 6.18 -5.11
N LYS A 129 27.70 5.31 -4.41
CA LYS A 129 28.29 4.29 -3.57
C LYS A 129 27.67 2.94 -3.95
N PRO A 130 28.45 1.89 -3.84
CA PRO A 130 28.01 0.53 -4.12
C PRO A 130 26.98 0.12 -3.08
N ALA A 131 26.09 -0.81 -3.42
CA ALA A 131 25.06 -1.29 -2.51
C ALA A 131 25.62 -1.93 -1.27
N THR A 132 26.82 -2.48 -1.33
CA THR A 132 27.52 -3.08 -0.20
C THR A 132 27.95 -2.07 0.84
N ASP A 133 27.77 -0.77 0.59
CA ASP A 133 28.05 0.28 1.53
C ASP A 133 26.85 0.57 2.45
N LEU A 134 25.71 -0.06 2.18
CA LEU A 134 24.51 0.18 2.99
C LEU A 134 24.77 -0.09 4.46
N GLY A 135 24.21 0.72 5.36
CA GLY A 135 24.39 0.58 6.79
C GLY A 135 23.76 -0.62 7.43
N VAL A 136 24.01 -1.83 6.97
CA VAL A 136 23.48 -3.05 7.52
C VAL A 136 24.62 -4.09 7.61
N LYS A 137 24.56 -4.94 8.63
CA LYS A 137 25.58 -5.97 8.74
C LYS A 137 25.10 -7.15 9.59
N ALA A 138 25.64 -8.31 9.26
CA ALA A 138 25.36 -9.52 10.02
C ALA A 138 26.50 -9.63 11.06
N LEU A 139 26.16 -9.49 12.34
CA LEU A 139 27.20 -9.61 13.38
C LEU A 139 27.56 -11.08 13.56
N ASP A 140 26.61 -11.95 13.25
CA ASP A 140 26.75 -13.39 13.23
C ASP A 140 25.57 -13.93 12.41
N ASP A 141 25.43 -15.24 12.27
CA ASP A 141 24.32 -15.79 11.49
C ASP A 141 22.95 -15.42 12.03
N HIS A 142 22.81 -15.15 13.33
CA HIS A 142 21.52 -14.83 13.92
C HIS A 142 21.39 -13.42 14.45
N THR A 143 22.26 -12.51 14.03
CA THR A 143 22.20 -11.13 14.54
C THR A 143 22.36 -10.12 13.41
N PHE A 144 21.30 -9.36 13.17
CA PHE A 144 21.27 -8.36 12.11
C PHE A 144 21.29 -6.96 12.72
N GLU A 145 22.31 -6.17 12.37
CA GLU A 145 22.45 -4.83 12.91
C GLU A 145 22.25 -3.77 11.84
N VAL A 146 21.38 -2.82 12.15
CA VAL A 146 21.05 -1.73 11.25
C VAL A 146 21.49 -0.39 11.84
N THR A 147 22.23 0.36 11.02
CA THR A 147 22.73 1.67 11.45
C THR A 147 22.06 2.78 10.66
N LEU A 148 21.38 3.67 11.36
CA LEU A 148 20.69 4.78 10.74
C LEU A 148 21.52 6.06 10.82
N SER A 149 21.24 7.00 9.93
CA SER A 149 21.96 8.27 9.90
C SER A 149 21.42 9.27 10.91
N GLU A 150 20.27 8.99 11.51
CA GLU A 150 19.65 9.83 12.53
C GLU A 150 18.65 8.98 13.32
N PRO A 151 18.31 9.45 14.50
CA PRO A 151 17.38 8.79 15.39
C PRO A 151 16.00 8.67 14.76
N VAL A 152 15.51 7.45 14.67
CA VAL A 152 14.19 7.16 14.11
C VAL A 152 13.47 6.27 15.13
N PRO A 153 12.75 6.87 16.06
CA PRO A 153 12.05 6.19 17.12
C PRO A 153 11.05 5.16 16.66
N TYR A 154 10.40 5.38 15.52
CA TYR A 154 9.44 4.44 14.96
C TYR A 154 10.02 3.48 13.94
N PHE A 155 11.34 3.43 13.79
CA PHE A 155 12.01 2.58 12.82
C PHE A 155 11.48 1.15 12.75
N TYR A 156 11.37 0.46 13.88
CA TYR A 156 10.90 -0.93 13.89
C TYR A 156 9.55 -1.13 13.24
N LYS A 157 8.66 -0.13 13.29
CA LYS A 157 7.35 -0.21 12.69
C LYS A 157 7.43 -0.42 11.18
N LEU A 158 8.47 0.07 10.51
CA LEU A 158 8.64 -0.10 9.10
C LEU A 158 8.89 -1.54 8.67
N LEU A 159 9.48 -2.35 9.54
CA LEU A 159 9.95 -3.67 9.22
C LEU A 159 9.00 -4.77 8.89
N VAL A 160 7.70 -4.55 8.91
CA VAL A 160 6.72 -5.55 8.53
C VAL A 160 6.43 -5.51 7.02
N HIS A 161 6.92 -4.51 6.31
CA HIS A 161 6.66 -4.33 4.89
C HIS A 161 7.42 -5.31 4.01
N PRO A 162 6.82 -5.77 2.92
CA PRO A 162 7.42 -6.73 2.01
C PRO A 162 8.76 -6.35 1.44
N SER A 163 9.01 -5.08 1.16
CA SER A 163 10.28 -4.65 0.58
C SER A 163 11.48 -5.00 1.44
N VAL A 164 11.31 -5.12 2.76
CA VAL A 164 12.39 -5.46 3.65
C VAL A 164 12.36 -6.92 4.11
N SER A 165 11.66 -7.76 3.35
CA SER A 165 11.64 -9.20 3.58
C SER A 165 12.88 -9.77 2.87
N PRO A 166 13.34 -10.92 3.29
CA PRO A 166 14.47 -11.58 2.70
C PRO A 166 14.14 -12.30 1.42
N VAL A 167 15.08 -12.33 0.48
CA VAL A 167 14.95 -13.08 -0.77
C VAL A 167 16.14 -14.05 -0.82
N PRO A 168 15.96 -15.19 -1.41
CA PRO A 168 16.98 -16.23 -1.52
C PRO A 168 17.99 -15.93 -2.62
N LYS A 169 19.17 -15.48 -2.24
CA LYS A 169 20.23 -15.14 -3.20
C LYS A 169 20.51 -16.24 -4.22
N SER A 170 20.66 -17.47 -3.78
CA SER A 170 20.93 -18.60 -4.65
C SER A 170 19.95 -18.72 -5.81
N ALA A 171 18.65 -18.66 -5.51
CA ALA A 171 17.62 -18.76 -6.54
C ALA A 171 17.64 -17.53 -7.44
N VAL A 172 17.76 -16.34 -6.86
CA VAL A 172 17.81 -15.11 -7.63
C VAL A 172 18.93 -15.18 -8.67
N GLU A 173 20.13 -15.47 -8.18
CA GLU A 173 21.31 -15.55 -9.04
C GLU A 173 21.26 -16.66 -10.07
N LYS A 174 20.76 -17.83 -9.70
CA LYS A 174 20.72 -18.95 -10.65
C LYS A 174 19.64 -18.82 -11.69
N PHE A 175 18.44 -18.35 -11.29
CA PHE A 175 17.31 -18.26 -12.20
C PHE A 175 16.95 -16.87 -12.66
N GLY A 176 17.55 -15.83 -12.11
CA GLY A 176 17.24 -14.47 -12.52
C GLY A 176 15.76 -14.18 -12.39
N ASP A 177 15.16 -13.54 -13.39
CA ASP A 177 13.75 -13.19 -13.40
C ASP A 177 12.79 -14.35 -13.22
N LYS A 178 13.19 -15.61 -13.43
CA LYS A 178 12.35 -16.77 -13.26
C LYS A 178 12.51 -17.43 -11.90
N TRP A 179 13.18 -16.76 -10.96
CA TRP A 179 13.40 -17.33 -9.63
C TRP A 179 12.10 -17.53 -8.86
N THR A 180 11.07 -16.75 -9.16
CA THR A 180 9.79 -16.84 -8.51
C THR A 180 8.86 -17.89 -9.09
N GLN A 181 9.30 -18.61 -10.13
CA GLN A 181 8.46 -19.70 -10.68
C GLN A 181 8.39 -20.80 -9.64
N PRO A 182 7.29 -21.49 -9.54
CA PRO A 182 7.07 -22.57 -8.60
C PRO A 182 8.24 -23.53 -8.50
N ALA A 183 8.81 -23.97 -9.63
CA ALA A 183 9.93 -24.90 -9.59
C ALA A 183 11.22 -24.30 -9.06
N ASN A 184 11.38 -22.99 -9.04
CA ASN A 184 12.59 -22.33 -8.62
C ASN A 184 12.54 -21.60 -7.29
N ILE A 185 11.37 -21.08 -6.93
CA ILE A 185 11.20 -20.27 -5.73
C ILE A 185 11.50 -20.97 -4.43
N VAL A 186 12.02 -20.20 -3.47
CA VAL A 186 12.30 -20.66 -2.11
C VAL A 186 11.72 -19.58 -1.17
N THR A 187 10.89 -19.97 -0.22
CA THR A 187 10.22 -19.01 0.65
C THR A 187 10.40 -19.26 2.14
N ASN A 188 10.25 -18.21 2.97
CA ASN A 188 10.43 -18.40 4.42
C ASN A 188 9.21 -18.03 5.24
N GLY A 189 8.08 -17.72 4.59
CA GLY A 189 6.85 -17.39 5.33
C GLY A 189 6.12 -18.69 5.65
N ALA A 190 4.87 -18.59 6.13
CA ALA A 190 4.12 -19.79 6.50
C ALA A 190 3.74 -20.65 5.31
N TYR A 191 3.78 -20.13 4.09
CA TYR A 191 3.39 -20.80 2.88
C TYR A 191 4.49 -20.86 1.82
N LYS A 192 4.29 -21.75 0.85
CA LYS A 192 5.16 -21.95 -0.28
C LYS A 192 4.29 -21.83 -1.55
N LEU A 193 4.94 -21.47 -2.65
CA LEU A 193 4.20 -21.35 -3.90
C LEU A 193 3.99 -22.71 -4.56
N LYS A 194 2.74 -23.09 -4.80
CA LYS A 194 2.46 -24.35 -5.47
C LYS A 194 2.20 -24.15 -6.95
N ASN A 195 1.27 -23.26 -7.30
CA ASN A 195 0.89 -22.97 -8.66
C ASN A 195 0.77 -21.45 -8.92
N TRP A 196 1.09 -21.05 -10.14
CA TRP A 196 0.94 -19.66 -10.53
C TRP A 196 0.52 -19.60 -12.02
N VAL A 197 -0.79 -19.47 -12.21
CA VAL A 197 -1.37 -19.37 -13.55
C VAL A 197 -1.73 -17.89 -13.74
N VAL A 198 -0.95 -17.19 -14.57
CA VAL A 198 -1.21 -15.76 -14.78
C VAL A 198 -2.63 -15.53 -15.25
N ASN A 199 -3.31 -14.60 -14.57
CA ASN A 199 -4.68 -14.22 -14.82
C ASN A 199 -5.69 -15.32 -14.51
N GLU A 200 -5.30 -16.26 -13.67
CA GLU A 200 -6.18 -17.36 -13.29
C GLU A 200 -6.13 -17.54 -11.79
N ARG A 201 -4.94 -17.91 -11.27
CA ARG A 201 -4.84 -18.10 -9.83
C ARG A 201 -3.40 -18.30 -9.37
N ILE A 202 -3.24 -18.04 -8.07
CA ILE A 202 -1.98 -18.27 -7.36
C ILE A 202 -2.36 -19.23 -6.22
N VAL A 203 -1.73 -20.40 -6.18
CA VAL A 203 -2.07 -21.36 -5.13
C VAL A 203 -0.87 -21.56 -4.20
N LEU A 204 -1.07 -21.31 -2.92
CA LEU A 204 -0.05 -21.47 -1.91
C LEU A 204 -0.39 -22.67 -1.01
N GLU A 205 0.67 -23.37 -0.61
CA GLU A 205 0.48 -24.53 0.27
C GLU A 205 1.38 -24.32 1.50
N ARG A 206 0.92 -24.85 2.64
CA ARG A 206 1.68 -24.69 3.88
C ARG A 206 3.14 -25.05 3.72
N ASN A 207 3.99 -24.25 4.35
CA ASN A 207 5.45 -24.49 4.34
C ASN A 207 5.78 -25.16 5.67
N PRO A 208 6.11 -26.43 5.66
CA PRO A 208 6.43 -27.21 6.84
C PRO A 208 7.70 -26.78 7.54
N GLN A 209 8.57 -26.04 6.85
CA GLN A 209 9.81 -25.54 7.41
C GLN A 209 9.62 -24.24 8.17
N TYR A 210 8.44 -23.61 8.04
CA TYR A 210 8.19 -22.35 8.73
C TYR A 210 8.36 -22.57 10.23
N TRP A 211 9.11 -21.70 10.90
CA TRP A 211 9.36 -21.86 12.33
C TRP A 211 8.11 -21.97 13.18
N ASP A 212 7.04 -21.27 12.82
CA ASP A 212 5.80 -21.32 13.57
C ASP A 212 4.76 -22.20 12.91
N ASN A 213 5.17 -23.14 12.08
CA ASN A 213 4.29 -24.04 11.36
C ASN A 213 3.29 -24.79 12.21
N ALA A 214 3.63 -25.16 13.45
CA ALA A 214 2.70 -25.87 14.33
C ALA A 214 1.43 -25.08 14.59
N LYS A 215 1.48 -23.75 14.55
CA LYS A 215 0.32 -22.90 14.77
C LYS A 215 -0.42 -22.56 13.48
N THR A 216 0.13 -22.90 12.31
CA THR A 216 -0.57 -22.65 11.05
C THR A 216 -1.72 -23.65 10.90
N VAL A 217 -2.91 -23.17 10.54
CA VAL A 217 -4.06 -24.04 10.39
C VAL A 217 -4.44 -24.25 8.92
N ILE A 218 -4.54 -23.18 8.14
CA ILE A 218 -4.89 -23.30 6.73
C ILE A 218 -3.79 -24.02 5.96
N ASN A 219 -4.15 -25.09 5.25
CA ASN A 219 -3.16 -25.86 4.50
C ASN A 219 -2.91 -25.35 3.10
N GLN A 220 -3.90 -24.70 2.50
CA GLN A 220 -3.77 -24.17 1.16
C GLN A 220 -4.64 -22.92 1.02
N VAL A 221 -4.08 -21.91 0.38
CA VAL A 221 -4.84 -20.69 0.10
C VAL A 221 -4.67 -20.35 -1.37
N THR A 222 -5.78 -20.01 -2.00
CA THR A 222 -5.75 -19.61 -3.42
C THR A 222 -6.05 -18.10 -3.49
N TYR A 223 -5.27 -17.38 -4.27
CA TYR A 223 -5.46 -15.95 -4.48
C TYR A 223 -5.89 -15.76 -5.95
N LEU A 224 -7.05 -15.16 -6.15
CA LEU A 224 -7.57 -14.92 -7.49
C LEU A 224 -7.33 -13.48 -7.90
N PRO A 225 -7.26 -13.23 -9.19
CA PRO A 225 -6.97 -11.95 -9.77
C PRO A 225 -8.16 -11.22 -10.36
N ILE A 226 -9.33 -11.31 -9.74
CA ILE A 226 -10.53 -10.70 -10.29
C ILE A 226 -10.63 -9.22 -10.01
N SER A 227 -10.60 -8.39 -11.05
CA SER A 227 -10.64 -6.94 -10.87
C SER A 227 -12.07 -6.40 -10.82
N SER A 228 -13.02 -7.20 -11.28
CA SER A 228 -14.43 -6.82 -11.23
C SER A 228 -14.97 -7.10 -9.83
N GLU A 229 -15.32 -6.05 -9.09
CA GLU A 229 -15.84 -6.23 -7.73
C GLU A 229 -17.19 -6.93 -7.76
N VAL A 230 -17.97 -6.72 -8.82
CA VAL A 230 -19.26 -7.41 -8.97
C VAL A 230 -19.00 -8.91 -9.09
N THR A 231 -18.06 -9.28 -9.97
CA THR A 231 -17.71 -10.69 -10.16
C THR A 231 -17.17 -11.31 -8.88
N ASP A 232 -16.33 -10.56 -8.15
CA ASP A 232 -15.79 -11.03 -6.88
C ASP A 232 -16.92 -11.38 -5.93
N VAL A 233 -17.87 -10.46 -5.75
CA VAL A 233 -19.04 -10.73 -4.89
C VAL A 233 -19.83 -11.93 -5.42
N ASN A 234 -20.04 -12.02 -6.74
CA ASN A 234 -20.79 -13.14 -7.28
C ASN A 234 -20.16 -14.49 -6.97
N ARG A 235 -18.84 -14.60 -7.15
CA ARG A 235 -18.15 -15.86 -6.87
C ARG A 235 -18.01 -16.13 -5.38
N TYR A 236 -18.12 -15.07 -4.57
CA TYR A 236 -18.13 -15.24 -3.12
C TYR A 236 -19.49 -15.84 -2.76
N ARG A 237 -20.58 -15.21 -3.25
CA ARG A 237 -21.92 -15.68 -2.93
C ARG A 237 -22.24 -17.03 -3.56
N SER A 238 -21.57 -17.40 -4.63
CA SER A 238 -21.78 -18.70 -5.26
C SER A 238 -21.11 -19.82 -4.46
N GLY A 239 -20.19 -19.45 -3.56
CA GLY A 239 -19.49 -20.38 -2.72
C GLY A 239 -18.01 -20.58 -3.05
N GLU A 240 -17.56 -20.10 -4.21
CA GLU A 240 -16.16 -20.27 -4.61
C GLU A 240 -15.17 -19.47 -3.77
N ILE A 241 -15.51 -18.24 -3.45
CA ILE A 241 -14.62 -17.36 -2.69
C ILE A 241 -15.03 -17.21 -1.25
N ASP A 242 -14.07 -17.35 -0.33
CA ASP A 242 -14.32 -17.22 1.11
C ASP A 242 -14.16 -15.79 1.61
N MET A 243 -13.26 -15.04 0.98
CA MET A 243 -13.01 -13.65 1.35
C MET A 243 -12.85 -12.82 0.06
N THR A 244 -13.66 -11.80 -0.09
CA THR A 244 -13.53 -10.96 -1.29
C THR A 244 -12.31 -10.04 -1.10
N TYR A 245 -11.97 -9.38 -2.20
CA TYR A 245 -10.92 -8.34 -2.11
C TYR A 245 -11.64 -7.17 -1.42
N ASN A 246 -10.94 -6.16 -0.94
CA ASN A 246 -11.58 -5.07 -0.24
C ASN A 246 -11.73 -3.81 -1.08
N ASN A 247 -12.47 -3.97 -2.15
CA ASN A 247 -12.94 -3.01 -3.11
C ASN A 247 -14.41 -3.48 -3.34
N MET A 248 -15.40 -2.70 -2.95
CA MET A 248 -16.78 -3.16 -3.09
C MET A 248 -17.51 -2.54 -4.27
N PRO A 249 -18.33 -3.36 -4.93
CA PRO A 249 -19.13 -2.99 -6.08
C PRO A 249 -20.21 -1.98 -5.75
N ILE A 250 -20.26 -0.88 -6.50
CA ILE A 250 -21.30 0.15 -6.28
C ILE A 250 -22.67 -0.45 -6.61
N GLU A 251 -22.73 -1.32 -7.62
CA GLU A 251 -23.92 -1.99 -8.06
C GLU A 251 -24.62 -2.77 -6.94
N LEU A 252 -23.84 -3.53 -6.17
CA LEU A 252 -24.36 -4.39 -5.14
C LEU A 252 -24.18 -4.05 -3.68
N PHE A 253 -23.31 -3.15 -3.28
CA PHE A 253 -23.05 -2.88 -1.88
C PHE A 253 -24.22 -2.61 -0.99
N GLN A 254 -25.14 -1.71 -1.37
CA GLN A 254 -26.29 -1.43 -0.49
C GLN A 254 -27.06 -2.70 -0.20
N LYS A 255 -27.39 -3.48 -1.23
CA LYS A 255 -28.11 -4.72 -1.07
C LYS A 255 -27.39 -5.71 -0.16
N LEU A 256 -26.08 -5.85 -0.30
CA LEU A 256 -25.30 -6.76 0.53
C LEU A 256 -25.41 -6.49 2.02
N LYS A 257 -25.36 -5.20 2.40
CA LYS A 257 -25.47 -4.85 3.80
C LYS A 257 -26.79 -5.32 4.41
N LYS A 258 -27.86 -5.29 3.61
CA LYS A 258 -29.17 -5.74 4.05
C LYS A 258 -29.37 -7.23 3.83
N GLU A 259 -28.70 -7.83 2.84
CA GLU A 259 -28.85 -9.25 2.58
C GLU A 259 -28.01 -10.12 3.50
N ILE A 260 -26.73 -9.78 3.70
CA ILE A 260 -25.83 -10.55 4.56
C ILE A 260 -25.00 -9.62 5.45
N PRO A 261 -25.66 -8.97 6.40
CA PRO A 261 -25.09 -8.01 7.30
C PRO A 261 -23.89 -8.51 8.09
N ASN A 262 -23.95 -9.73 8.59
CA ASN A 262 -22.88 -10.33 9.36
C ASN A 262 -21.64 -10.66 8.55
N GLU A 263 -21.77 -10.77 7.23
CA GLU A 263 -20.62 -11.07 6.38
C GLU A 263 -19.97 -9.82 5.83
N VAL A 264 -20.65 -8.69 5.96
CA VAL A 264 -20.11 -7.42 5.48
C VAL A 264 -19.22 -6.79 6.55
N ARG A 265 -17.90 -6.90 6.37
CA ARG A 265 -16.96 -6.34 7.34
C ARG A 265 -16.55 -4.92 6.93
N VAL A 266 -16.76 -3.96 7.82
CA VAL A 266 -16.40 -2.56 7.55
C VAL A 266 -15.58 -2.04 8.73
N ASP A 267 -14.29 -1.80 8.51
CA ASP A 267 -13.39 -1.37 9.58
C ASP A 267 -12.51 -0.21 9.14
N PRO A 268 -11.95 0.50 10.09
CA PRO A 268 -11.06 1.63 9.83
C PRO A 268 -9.92 1.17 8.93
N TYR A 269 -9.51 2.04 8.03
CA TYR A 269 -8.44 1.68 7.07
C TYR A 269 -7.59 2.92 6.81
N LEU A 270 -6.28 2.80 6.97
CA LEU A 270 -5.40 3.95 6.76
C LEU A 270 -5.00 4.08 5.29
N CYS A 271 -5.97 4.44 4.45
CA CYS A 271 -5.77 4.61 3.03
C CYS A 271 -6.53 5.85 2.54
N THR A 272 -5.99 6.50 1.53
CA THR A 272 -6.60 7.66 0.94
C THR A 272 -6.81 7.47 -0.56
N TYR A 273 -8.03 7.73 -1.00
CA TYR A 273 -8.38 7.65 -2.42
C TYR A 273 -8.19 9.08 -2.96
N TYR A 274 -7.45 9.22 -4.05
CA TYR A 274 -7.22 10.55 -4.59
C TYR A 274 -7.01 10.48 -6.10
N TYR A 275 -7.04 11.66 -6.75
CA TYR A 275 -6.72 11.69 -8.17
C TYR A 275 -5.29 12.26 -8.24
N GLU A 276 -4.39 11.42 -8.71
CA GLU A 276 -2.99 11.80 -8.83
C GLU A 276 -2.79 12.65 -10.08
N ILE A 277 -2.27 13.85 -9.90
CA ILE A 277 -1.99 14.74 -11.04
C ILE A 277 -0.52 14.58 -11.43
N ASN A 278 -0.23 14.47 -12.73
CA ASN A 278 1.18 14.39 -13.14
C ASN A 278 1.69 15.83 -13.08
N ASN A 279 2.39 16.17 -12.00
CA ASN A 279 2.84 17.52 -11.75
C ASN A 279 3.89 18.06 -12.71
N GLN A 280 4.55 17.22 -13.49
CA GLN A 280 5.57 17.66 -14.41
C GLN A 280 5.08 17.82 -15.84
N LYS A 281 3.80 17.60 -16.08
CA LYS A 281 3.27 17.69 -17.44
C LYS A 281 2.29 18.83 -17.62
N ALA A 282 2.63 19.76 -18.53
CA ALA A 282 1.72 20.89 -18.78
C ALA A 282 0.44 20.31 -19.39
N PRO A 283 -0.69 20.90 -19.07
CA PRO A 283 -0.82 22.07 -18.24
C PRO A 283 -1.01 21.83 -16.77
N PHE A 284 -0.65 20.64 -16.28
CA PHE A 284 -0.80 20.28 -14.88
C PHE A 284 0.37 20.73 -14.02
N ASN A 285 1.32 21.43 -14.64
CA ASN A 285 2.46 22.01 -13.94
C ASN A 285 2.11 23.43 -13.49
N ASP A 286 0.87 23.82 -13.74
CA ASP A 286 0.29 25.09 -13.35
C ASP A 286 -0.63 24.85 -12.14
N VAL A 287 -0.29 25.39 -10.98
CA VAL A 287 -1.07 25.24 -9.76
C VAL A 287 -2.53 25.63 -9.88
N ARG A 288 -2.86 26.63 -10.72
CA ARG A 288 -4.24 27.05 -10.90
C ARG A 288 -5.07 25.93 -11.52
N VAL A 289 -4.47 25.20 -12.45
CA VAL A 289 -5.16 24.08 -13.09
C VAL A 289 -5.39 22.99 -12.04
N ARG A 290 -4.34 22.67 -11.30
CA ARG A 290 -4.44 21.65 -10.25
C ARG A 290 -5.43 22.04 -9.17
N THR A 291 -5.39 23.30 -8.71
CA THR A 291 -6.33 23.75 -7.68
C THR A 291 -7.78 23.71 -8.14
N ALA A 292 -8.04 24.06 -9.40
CA ALA A 292 -9.39 24.02 -9.95
C ALA A 292 -9.98 22.63 -9.93
N LEU A 293 -9.17 21.63 -10.35
CA LEU A 293 -9.61 20.24 -10.33
C LEU A 293 -9.89 19.78 -8.90
N LYS A 294 -9.01 20.15 -7.98
CA LYS A 294 -9.17 19.80 -6.58
C LYS A 294 -10.45 20.39 -6.01
N LEU A 295 -10.67 21.69 -6.24
CA LEU A 295 -11.86 22.37 -5.74
C LEU A 295 -13.15 22.01 -6.45
N ALA A 296 -13.15 21.84 -7.77
CA ALA A 296 -14.38 21.55 -8.51
C ALA A 296 -14.94 20.15 -8.30
N LEU A 297 -14.12 19.24 -7.77
CA LEU A 297 -14.59 17.89 -7.47
C LEU A 297 -15.52 17.95 -6.26
N ASP A 298 -16.73 17.44 -6.40
CA ASP A 298 -17.69 17.45 -5.30
C ASP A 298 -17.58 16.15 -4.50
N ARG A 299 -16.89 16.23 -3.36
CA ARG A 299 -16.67 15.08 -2.50
C ARG A 299 -17.93 14.54 -1.85
N ASP A 300 -18.88 15.43 -1.54
CA ASP A 300 -20.13 14.97 -0.94
C ASP A 300 -20.87 14.08 -1.94
N ILE A 301 -20.91 14.49 -3.21
CA ILE A 301 -21.58 13.67 -4.22
C ILE A 301 -20.89 12.32 -4.35
N ILE A 302 -19.60 12.33 -4.66
CA ILE A 302 -18.87 11.08 -4.82
C ILE A 302 -18.96 10.18 -3.60
N VAL A 303 -18.54 10.68 -2.45
CA VAL A 303 -18.55 9.90 -1.22
C VAL A 303 -19.92 9.50 -0.71
N ASN A 304 -20.88 10.42 -0.62
CA ASN A 304 -22.18 10.08 -0.06
C ASN A 304 -23.28 9.77 -1.05
N LYS A 305 -23.15 10.17 -2.30
CA LYS A 305 -24.21 9.90 -3.27
C LYS A 305 -23.85 8.76 -4.21
N VAL A 306 -22.68 8.83 -4.85
CA VAL A 306 -22.31 7.78 -5.81
C VAL A 306 -21.71 6.54 -5.16
N LYS A 307 -20.81 6.69 -4.19
CA LYS A 307 -20.17 5.54 -3.55
C LYS A 307 -20.96 5.07 -2.34
N ASN A 308 -21.12 5.98 -1.39
CA ASN A 308 -21.86 5.73 -0.16
C ASN A 308 -21.57 4.41 0.52
N GLN A 309 -20.31 4.15 0.86
CA GLN A 309 -19.92 2.91 1.53
C GLN A 309 -19.31 3.17 2.90
N GLY A 310 -19.47 4.40 3.38
CA GLY A 310 -18.96 4.79 4.68
C GLY A 310 -17.68 5.61 4.60
N ASP A 311 -17.20 5.91 3.41
CA ASP A 311 -15.96 6.69 3.26
C ASP A 311 -16.17 8.11 3.77
N LEU A 312 -15.06 8.77 4.08
CA LEU A 312 -15.10 10.14 4.59
C LEU A 312 -14.41 11.06 3.59
N PRO A 313 -15.05 12.16 3.25
CA PRO A 313 -14.50 13.14 2.32
C PRO A 313 -13.11 13.59 2.80
N ALA A 314 -12.15 13.58 1.89
CA ALA A 314 -10.78 13.91 2.22
C ALA A 314 -10.32 15.30 1.82
N TYR A 315 -9.43 15.86 2.61
CA TYR A 315 -8.86 17.18 2.38
C TYR A 315 -7.34 17.13 2.49
N SER A 316 -6.82 15.93 2.73
CA SER A 316 -5.40 15.72 2.87
C SER A 316 -4.99 14.38 2.24
N TYR A 317 -3.68 14.17 2.22
CA TYR A 317 -3.11 12.91 1.70
C TYR A 317 -3.06 11.92 2.86
N THR A 318 -2.32 12.28 3.92
CA THR A 318 -2.28 11.44 5.11
C THR A 318 -3.67 11.43 5.76
N PRO A 319 -4.21 10.27 6.04
CA PRO A 319 -5.50 10.16 6.72
C PRO A 319 -5.35 10.81 8.09
N PRO A 320 -6.30 11.63 8.51
CA PRO A 320 -6.28 12.34 9.77
C PRO A 320 -6.24 11.48 11.02
N TYR A 321 -6.58 10.22 10.93
CA TYR A 321 -6.61 9.27 12.02
C TYR A 321 -5.32 8.43 12.11
N THR A 322 -4.37 8.77 11.24
CA THR A 322 -3.06 8.10 11.29
C THR A 322 -2.46 8.43 12.66
N ASP A 323 -1.78 7.47 13.25
CA ASP A 323 -1.13 7.70 14.55
C ASP A 323 -0.10 8.83 14.38
N GLY A 324 -0.32 9.96 15.03
CA GLY A 324 0.57 11.10 14.95
C GLY A 324 0.05 12.20 14.06
N ALA A 325 -1.11 11.98 13.44
CA ALA A 325 -1.66 13.04 12.56
C ALA A 325 -2.54 13.98 13.39
N LYS A 326 -2.22 15.25 13.32
CA LYS A 326 -2.94 16.34 13.97
C LYS A 326 -3.06 17.43 12.88
N LEU A 327 -3.84 17.07 11.85
CA LEU A 327 -4.00 17.89 10.67
C LEU A 327 -4.94 19.07 10.78
N VAL A 328 -4.59 20.11 10.03
CA VAL A 328 -5.39 21.33 9.99
C VAL A 328 -6.30 21.26 8.76
N GLU A 329 -7.61 21.17 8.99
CA GLU A 329 -8.55 21.12 7.85
C GLU A 329 -8.55 22.48 7.17
N PRO A 330 -8.27 22.50 5.90
CA PRO A 330 -8.18 23.72 5.10
C PRO A 330 -9.52 24.42 4.99
N GLU A 331 -9.46 25.73 4.77
CA GLU A 331 -10.68 26.53 4.65
C GLU A 331 -11.53 26.18 3.45
N TRP A 332 -10.96 25.80 2.31
CA TRP A 332 -11.72 25.43 1.13
C TRP A 332 -12.63 24.23 1.36
N PHE A 333 -12.24 23.34 2.27
CA PHE A 333 -13.00 22.15 2.58
C PHE A 333 -14.29 22.49 3.33
N LYS A 334 -14.27 23.57 4.11
CA LYS A 334 -15.42 24.03 4.88
C LYS A 334 -16.39 24.84 4.01
N TRP A 335 -15.95 25.36 2.88
CA TRP A 335 -16.79 26.13 2.00
C TRP A 335 -17.94 25.27 1.43
N SER A 336 -18.78 25.99 0.69
CA SER A 336 -19.88 25.34 -0.03
C SER A 336 -19.26 24.88 -1.36
N GLN A 337 -19.88 23.92 -2.02
CA GLN A 337 -19.35 23.46 -3.30
C GLN A 337 -19.44 24.55 -4.35
N GLN A 338 -20.54 25.32 -4.33
CA GLN A 338 -20.71 26.42 -5.30
C GLN A 338 -19.58 27.42 -5.15
N LYS A 339 -19.19 27.74 -3.90
CA LYS A 339 -18.07 28.64 -3.68
C LYS A 339 -16.79 28.01 -4.21
N ARG A 340 -16.63 26.70 -3.97
CA ARG A 340 -15.47 25.97 -4.49
C ARG A 340 -15.47 26.02 -6.03
N ASN A 341 -16.63 25.81 -6.64
CA ASN A 341 -16.75 25.84 -8.10
C ASN A 341 -16.40 27.20 -8.68
N GLU A 342 -16.89 28.28 -8.08
CA GLU A 342 -16.59 29.63 -8.59
C GLU A 342 -15.09 29.87 -8.63
N GLU A 343 -14.44 29.54 -7.51
CA GLU A 343 -12.99 29.68 -7.38
C GLU A 343 -12.27 28.85 -8.43
N ALA A 344 -12.74 27.62 -8.65
CA ALA A 344 -12.18 26.72 -9.65
C ALA A 344 -12.31 27.30 -11.06
N LYS A 345 -13.52 27.76 -11.41
CA LYS A 345 -13.77 28.35 -12.72
C LYS A 345 -12.87 29.57 -12.94
N LYS A 346 -12.77 30.39 -11.90
CA LYS A 346 -11.94 31.59 -11.94
C LYS A 346 -10.48 31.26 -12.18
N LEU A 347 -9.94 30.25 -11.51
CA LEU A 347 -8.55 29.85 -11.68
C LEU A 347 -8.26 29.26 -13.06
N LEU A 348 -9.21 28.48 -13.56
CA LEU A 348 -9.07 27.86 -14.88
C LEU A 348 -9.11 28.94 -15.95
N ALA A 349 -10.03 29.90 -15.78
CA ALA A 349 -10.15 31.04 -16.68
C ALA A 349 -8.84 31.83 -16.66
N GLU A 350 -8.26 31.98 -15.46
CA GLU A 350 -6.99 32.65 -15.26
C GLU A 350 -5.85 31.90 -15.96
N ALA A 351 -5.92 30.57 -15.97
CA ALA A 351 -4.93 29.72 -16.60
C ALA A 351 -5.01 29.67 -18.12
N GLY A 352 -6.00 30.31 -18.73
CA GLY A 352 -6.14 30.37 -20.15
C GLY A 352 -7.08 29.37 -20.79
N PHE A 353 -8.15 28.99 -20.09
CA PHE A 353 -9.10 28.04 -20.65
C PHE A 353 -10.45 28.69 -20.91
N THR A 354 -10.91 28.51 -22.15
CA THR A 354 -12.16 29.09 -22.63
C THR A 354 -13.15 28.00 -23.03
N ALA A 355 -14.25 28.39 -23.68
CA ALA A 355 -15.21 27.41 -24.17
C ALA A 355 -14.73 26.90 -25.53
N ASP A 356 -13.98 27.76 -26.21
CA ASP A 356 -13.40 27.47 -27.52
C ASP A 356 -12.23 26.50 -27.36
N LYS A 357 -11.44 26.74 -26.31
CA LYS A 357 -10.30 25.91 -25.97
C LYS A 357 -10.39 25.51 -24.50
N PRO A 358 -11.24 24.54 -24.21
CA PRO A 358 -11.46 24.04 -22.87
C PRO A 358 -10.31 23.14 -22.46
N LEU A 359 -10.30 22.76 -21.19
CA LEU A 359 -9.27 21.87 -20.71
C LEU A 359 -9.75 20.43 -20.96
N THR A 360 -8.95 19.70 -21.71
CA THR A 360 -9.22 18.32 -22.09
C THR A 360 -8.01 17.45 -21.75
N PHE A 361 -8.24 16.36 -21.01
CA PHE A 361 -7.12 15.49 -20.65
C PHE A 361 -7.60 14.07 -20.37
N ASP A 362 -6.63 13.17 -20.13
CA ASP A 362 -6.95 11.79 -19.85
C ASP A 362 -7.08 11.49 -18.37
N LEU A 363 -8.00 10.59 -18.06
CA LEU A 363 -8.20 10.14 -16.68
C LEU A 363 -7.94 8.62 -16.71
N LEU A 364 -6.76 8.27 -16.23
CA LEU A 364 -6.33 6.87 -16.21
C LEU A 364 -6.75 6.15 -14.95
N TYR A 365 -7.22 4.92 -15.09
CA TYR A 365 -7.61 4.13 -13.92
C TYR A 365 -7.32 2.67 -14.18
N ASN A 366 -7.12 1.91 -13.10
CA ASN A 366 -6.87 0.47 -13.27
C ASN A 366 -8.24 -0.22 -13.39
N THR A 367 -8.34 -1.13 -14.35
CA THR A 367 -9.57 -1.86 -14.60
C THR A 367 -10.29 -2.25 -13.31
N SER A 368 -11.54 -1.79 -13.17
CA SER A 368 -12.33 -2.03 -11.97
C SER A 368 -13.73 -1.44 -12.11
N ASP A 369 -14.74 -2.13 -11.58
CA ASP A 369 -16.10 -1.57 -11.67
C ASP A 369 -16.19 -0.29 -10.83
N LEU A 370 -15.64 -0.37 -9.62
CA LEU A 370 -15.61 0.75 -8.70
C LEU A 370 -14.89 1.95 -9.30
N HIS A 371 -13.66 1.77 -9.77
CA HIS A 371 -12.91 2.91 -10.31
C HIS A 371 -13.54 3.47 -11.58
N LYS A 372 -14.08 2.61 -12.45
CA LYS A 372 -14.74 3.11 -13.66
C LYS A 372 -15.94 3.98 -13.29
N LYS A 373 -16.80 3.47 -12.39
CA LYS A 373 -17.98 4.22 -11.97
C LYS A 373 -17.61 5.52 -11.27
N LEU A 374 -16.56 5.52 -10.45
CA LEU A 374 -16.13 6.77 -9.82
C LEU A 374 -15.55 7.72 -10.85
N ALA A 375 -14.80 7.20 -11.84
CA ALA A 375 -14.21 8.05 -12.87
C ALA A 375 -15.27 8.68 -13.78
N ILE A 376 -16.31 7.92 -14.10
CA ILE A 376 -17.40 8.46 -14.93
C ILE A 376 -18.10 9.59 -14.18
N ALA A 377 -18.33 9.39 -12.88
CA ALA A 377 -18.96 10.40 -12.02
C ALA A 377 -18.10 11.65 -11.88
N VAL A 378 -16.79 11.46 -11.69
CA VAL A 378 -15.86 12.59 -11.58
C VAL A 378 -15.75 13.32 -12.91
N ALA A 379 -15.75 12.58 -14.03
CA ALA A 379 -15.72 13.21 -15.34
C ALA A 379 -16.94 14.12 -15.49
N SER A 380 -18.11 13.60 -15.11
CA SER A 380 -19.36 14.34 -15.17
C SER A 380 -19.36 15.54 -14.23
N ILE A 381 -18.88 15.37 -13.01
CA ILE A 381 -18.80 16.45 -12.03
C ILE A 381 -17.89 17.57 -12.52
N TRP A 382 -16.72 17.21 -13.05
CA TRP A 382 -15.79 18.19 -13.57
C TRP A 382 -16.31 18.87 -14.84
N LYS A 383 -17.07 18.14 -15.65
CA LYS A 383 -17.66 18.74 -16.86
C LYS A 383 -18.72 19.75 -16.45
N LYS A 384 -19.61 19.38 -15.54
CA LYS A 384 -20.67 20.25 -15.07
C LYS A 384 -20.17 21.44 -14.24
N ASN A 385 -19.31 21.18 -13.26
CA ASN A 385 -18.81 22.20 -12.37
C ASN A 385 -17.66 23.05 -12.88
N LEU A 386 -16.88 22.51 -13.82
CA LEU A 386 -15.71 23.25 -14.29
C LEU A 386 -15.59 23.38 -15.79
N GLY A 387 -16.36 22.64 -16.57
CA GLY A 387 -16.30 22.72 -18.02
C GLY A 387 -15.10 21.98 -18.61
N VAL A 388 -14.57 21.00 -17.87
CA VAL A 388 -13.41 20.27 -18.39
C VAL A 388 -13.88 18.97 -19.02
N ASN A 389 -13.14 18.56 -20.05
CA ASN A 389 -13.45 17.33 -20.77
C ASN A 389 -12.40 16.28 -20.41
N VAL A 390 -12.89 15.11 -19.99
CA VAL A 390 -12.02 14.03 -19.57
C VAL A 390 -12.16 12.79 -20.44
N ASN A 391 -11.03 12.22 -20.85
CA ASN A 391 -11.00 11.00 -21.64
C ASN A 391 -10.59 9.84 -20.71
N LEU A 392 -11.55 8.97 -20.40
CA LEU A 392 -11.28 7.84 -19.51
C LEU A 392 -10.48 6.77 -20.23
N GLU A 393 -9.49 6.20 -19.52
CA GLU A 393 -8.64 5.16 -20.07
C GLU A 393 -8.39 4.09 -19.00
N ASN A 394 -8.72 2.83 -19.23
CA ASN A 394 -8.45 1.80 -18.24
C ASN A 394 -7.20 1.02 -18.64
N GLN A 395 -6.46 0.55 -17.64
CA GLN A 395 -5.28 -0.27 -17.85
C GLN A 395 -5.23 -1.35 -16.77
N GLU A 396 -4.67 -2.52 -17.09
CA GLU A 396 -4.57 -3.54 -16.04
C GLU A 396 -3.62 -3.01 -14.95
N TRP A 397 -3.78 -3.49 -13.73
CA TRP A 397 -2.98 -3.08 -12.59
C TRP A 397 -1.48 -2.93 -12.84
N LYS A 398 -0.78 -4.00 -13.26
CA LYS A 398 0.65 -3.90 -13.45
C LYS A 398 1.02 -2.79 -14.45
N THR A 399 0.29 -2.73 -15.56
CA THR A 399 0.53 -1.73 -16.61
C THR A 399 0.27 -0.33 -16.09
N PHE A 400 -0.85 -0.17 -15.38
CA PHE A 400 -1.27 1.09 -14.77
C PHE A 400 -0.18 1.64 -13.87
N LEU A 401 0.37 0.79 -12.99
CA LEU A 401 1.45 1.25 -12.09
C LEU A 401 2.67 1.68 -12.88
N ASP A 402 3.03 0.91 -13.92
CA ASP A 402 4.17 1.25 -14.74
C ASP A 402 3.96 2.58 -15.45
N THR A 403 2.77 2.80 -16.00
CA THR A 403 2.44 4.07 -16.65
C THR A 403 2.61 5.27 -15.73
N ARG A 404 2.17 5.13 -14.48
CA ARG A 404 2.30 6.23 -13.52
C ARG A 404 3.75 6.48 -13.20
N HIS A 405 4.55 5.41 -13.06
CA HIS A 405 5.99 5.57 -12.83
C HIS A 405 6.66 6.23 -14.03
N GLN A 406 6.25 5.85 -15.24
CA GLN A 406 6.80 6.42 -16.45
C GLN A 406 6.47 7.89 -16.66
N GLY A 407 5.34 8.35 -16.14
CA GLY A 407 4.93 9.75 -16.32
C GLY A 407 4.18 9.89 -17.65
N THR A 408 3.69 8.76 -18.18
CA THR A 408 2.94 8.78 -19.44
C THR A 408 1.44 8.90 -19.20
N PHE A 409 1.07 9.96 -18.46
CA PHE A 409 -0.31 10.21 -18.11
C PHE A 409 -0.57 11.66 -17.74
N ASP A 410 -1.85 12.00 -17.62
CA ASP A 410 -2.27 13.34 -17.25
C ASP A 410 -2.72 13.30 -15.78
N VAL A 411 -3.87 12.67 -15.58
CA VAL A 411 -4.44 12.50 -14.23
C VAL A 411 -4.72 11.00 -14.08
N ALA A 412 -4.47 10.46 -12.89
CA ALA A 412 -4.70 9.05 -12.65
C ALA A 412 -5.42 8.83 -11.32
N ARG A 413 -6.33 7.89 -11.34
CA ARG A 413 -7.04 7.48 -10.10
C ARG A 413 -5.94 6.88 -9.23
N ALA A 414 -5.96 7.04 -7.91
CA ALA A 414 -4.89 6.48 -7.08
C ALA A 414 -5.38 6.21 -5.67
N GLY A 415 -4.61 5.38 -4.99
CA GLY A 415 -4.93 5.02 -3.60
C GLY A 415 -3.60 4.70 -2.91
N TRP A 416 -3.40 5.24 -1.72
CA TRP A 416 -2.18 4.95 -0.98
C TRP A 416 -2.58 4.43 0.40
N CYS A 417 -2.06 3.29 0.78
CA CYS A 417 -2.33 2.71 2.09
C CYS A 417 -1.05 2.75 2.91
N ALA A 418 -1.17 3.04 4.20
CA ALA A 418 0.01 3.08 5.07
C ALA A 418 0.78 1.76 5.08
N ASP A 419 2.10 1.89 5.15
CA ASP A 419 2.99 0.74 5.25
C ASP A 419 3.34 0.54 6.74
N TYR A 420 3.30 1.64 7.46
CA TYR A 420 3.53 1.68 8.91
C TYR A 420 2.62 2.81 9.43
N ASN A 421 2.11 2.68 10.65
CA ASN A 421 1.19 3.70 11.16
C ASN A 421 1.88 4.92 11.74
N GLU A 422 2.25 5.84 10.87
CA GLU A 422 2.95 7.09 11.22
C GLU A 422 2.84 7.96 9.98
N PRO A 423 2.62 9.24 10.08
CA PRO A 423 2.42 10.14 8.96
C PRO A 423 3.45 10.08 7.86
N THR A 424 4.72 9.85 8.15
CA THR A 424 5.74 9.77 7.10
C THR A 424 5.51 8.60 6.14
N SER A 425 4.76 7.57 6.51
CA SER A 425 4.45 6.48 5.59
C SER A 425 3.74 7.02 4.35
N PHE A 426 2.98 8.10 4.51
CA PHE A 426 2.35 8.81 3.45
C PHE A 426 3.27 9.93 2.93
N LEU A 427 3.63 10.86 3.82
CA LEU A 427 4.41 12.02 3.44
C LEU A 427 5.72 11.75 2.74
N ASN A 428 6.42 10.68 3.07
CA ASN A 428 7.69 10.35 2.40
C ASN A 428 7.54 10.04 0.92
N THR A 429 6.36 9.61 0.47
CA THR A 429 6.13 9.30 -0.94
C THR A 429 6.03 10.54 -1.83
N MET A 430 5.96 11.72 -1.25
CA MET A 430 5.87 12.97 -1.98
C MET A 430 7.22 13.71 -1.98
N LEU A 431 8.23 13.11 -1.38
CA LEU A 431 9.58 13.72 -1.40
C LEU A 431 10.05 13.75 -2.84
N SER A 432 10.72 14.83 -3.27
CA SER A 432 11.17 14.96 -4.65
C SER A 432 11.85 13.74 -5.23
N ASP A 433 12.69 13.05 -4.47
CA ASP A 433 13.45 11.89 -4.89
C ASP A 433 12.84 10.54 -4.54
N SER A 434 11.63 10.51 -4.00
CA SER A 434 11.04 9.23 -3.62
C SER A 434 10.74 8.32 -4.81
N SER A 435 11.11 7.05 -4.68
CA SER A 435 10.83 6.04 -5.69
C SER A 435 9.33 5.78 -5.83
N ASN A 436 8.54 6.16 -4.83
CA ASN A 436 7.10 6.04 -4.81
C ASN A 436 6.40 7.32 -5.29
N ASN A 437 7.14 8.35 -5.68
CA ASN A 437 6.52 9.60 -6.13
C ASN A 437 6.05 9.54 -7.58
N THR A 438 4.84 9.02 -7.77
CA THR A 438 4.22 8.90 -9.08
C THR A 438 3.46 10.16 -9.44
N ALA A 439 3.36 11.11 -8.50
CA ALA A 439 2.73 12.40 -8.76
C ALA A 439 3.73 13.29 -9.49
N HIS A 440 5.00 12.91 -9.40
CA HIS A 440 6.12 13.63 -10.00
C HIS A 440 6.16 15.04 -9.43
N TYR A 441 5.91 15.11 -8.13
CA TYR A 441 5.87 16.34 -7.36
C TYR A 441 7.24 16.59 -6.74
N LYS A 442 7.77 17.79 -6.99
CA LYS A 442 9.09 18.16 -6.46
C LYS A 442 9.01 19.53 -5.79
N SER A 443 8.98 19.51 -4.45
CA SER A 443 8.91 20.74 -3.67
C SER A 443 10.00 20.75 -2.60
N PRO A 444 10.95 21.65 -2.75
CA PRO A 444 12.06 21.83 -1.81
C PRO A 444 11.52 22.18 -0.43
N ALA A 445 10.50 23.03 -0.38
CA ALA A 445 9.86 23.43 0.87
C ALA A 445 9.23 22.21 1.55
N PHE A 446 8.50 21.41 0.77
CA PHE A 446 7.91 20.18 1.32
C PHE A 446 9.02 19.27 1.82
N ASP A 447 10.06 19.06 1.00
CA ASP A 447 11.18 18.22 1.38
C ASP A 447 11.82 18.67 2.69
N LYS A 448 11.99 19.98 2.85
CA LYS A 448 12.58 20.52 4.07
C LYS A 448 11.74 20.23 5.32
N LEU A 449 10.44 20.44 5.26
CA LEU A 449 9.56 20.19 6.40
C LEU A 449 9.68 18.76 6.92
N ILE A 450 9.71 17.79 6.00
CA ILE A 450 9.85 16.38 6.38
C ILE A 450 11.24 16.09 6.91
N ALA A 451 12.27 16.68 6.33
CA ALA A 451 13.65 16.51 6.81
C ALA A 451 13.77 16.97 8.25
N ASP A 452 13.09 18.06 8.60
CA ASP A 452 13.06 18.63 9.92
C ASP A 452 12.39 17.77 10.98
N THR A 453 11.46 16.88 10.64
CA THR A 453 10.76 16.05 11.59
C THR A 453 11.65 15.09 12.38
N LEU A 454 12.80 14.69 11.83
CA LEU A 454 13.71 13.79 12.53
C LEU A 454 14.87 14.57 13.15
N LYS A 455 14.80 15.89 13.02
CA LYS A 455 15.82 16.78 13.58
C LYS A 455 15.35 17.30 14.93
N VAL A 456 14.07 17.07 15.23
CA VAL A 456 13.46 17.40 16.50
C VAL A 456 13.33 16.07 17.27
N ALA A 457 13.37 16.11 18.60
CA ALA A 457 13.25 14.87 19.39
C ALA A 457 11.95 14.96 20.22
N ASP A 458 10.94 15.53 19.59
CA ASP A 458 9.64 15.73 20.23
C ASP A 458 8.49 15.41 19.28
N ASP A 459 7.53 14.65 19.78
CA ASP A 459 6.35 14.27 19.00
C ASP A 459 5.43 15.43 18.71
N THR A 460 5.33 16.43 19.57
CA THR A 460 4.46 17.58 19.29
C THR A 460 5.02 18.43 18.16
N GLN A 461 6.35 18.59 18.13
CA GLN A 461 6.97 19.38 17.06
C GLN A 461 6.88 18.61 15.74
N ARG A 462 7.08 17.30 15.84
CA ARG A 462 6.99 16.40 14.69
C ARG A 462 5.60 16.49 14.06
N SER A 463 4.55 16.38 14.88
CA SER A 463 3.18 16.44 14.42
C SER A 463 2.83 17.77 13.76
N GLU A 464 3.37 18.86 14.31
CA GLU A 464 3.14 20.19 13.75
C GLU A 464 3.82 20.31 12.39
N LEU A 465 4.98 19.68 12.25
CA LEU A 465 5.71 19.67 10.98
C LEU A 465 4.94 18.83 9.96
N TYR A 466 4.34 17.73 10.40
CA TYR A 466 3.54 16.91 9.48
C TYR A 466 2.33 17.69 9.00
N ALA A 467 1.70 18.47 9.91
CA ALA A 467 0.56 19.29 9.54
C ALA A 467 0.98 20.35 8.53
N LYS A 468 2.15 20.97 8.75
CA LYS A 468 2.67 21.98 7.84
C LYS A 468 2.99 21.37 6.47
N ALA A 469 3.53 20.16 6.44
CA ALA A 469 3.85 19.44 5.20
C ALA A 469 2.59 19.18 4.38
N GLU A 470 1.49 18.81 5.05
CA GLU A 470 0.21 18.60 4.39
C GLU A 470 -0.33 19.91 3.83
N GLN A 471 -0.16 20.99 4.58
CA GLN A 471 -0.61 22.31 4.11
C GLN A 471 0.19 22.71 2.87
N GLN A 472 1.48 22.40 2.85
CA GLN A 472 2.33 22.70 1.70
C GLN A 472 1.85 21.93 0.47
N LEU A 473 1.59 20.64 0.66
CA LEU A 473 1.09 19.77 -0.42
C LEU A 473 -0.23 20.31 -0.95
N ASP A 474 -1.10 20.74 -0.02
CA ASP A 474 -2.40 21.30 -0.32
C ASP A 474 -2.31 22.65 -1.01
N LYS A 475 -1.40 23.52 -0.57
CA LYS A 475 -1.28 24.83 -1.22
C LYS A 475 -0.81 24.67 -2.65
N ASP A 476 0.01 23.67 -2.92
CA ASP A 476 0.49 23.37 -4.26
C ASP A 476 -0.49 22.54 -5.07
N SER A 477 -1.54 22.04 -4.42
CA SER A 477 -2.52 21.17 -5.06
C SER A 477 -1.80 20.04 -5.80
N ALA A 478 -0.92 19.33 -5.08
CA ALA A 478 -0.17 18.22 -5.66
C ALA A 478 -1.11 17.12 -6.13
N ILE A 479 -2.15 16.85 -5.36
CA ILE A 479 -3.13 15.82 -5.66
C ILE A 479 -4.55 16.33 -5.44
N VAL A 480 -5.52 15.49 -5.79
CA VAL A 480 -6.92 15.81 -5.54
C VAL A 480 -7.44 14.75 -4.56
N PRO A 481 -7.42 15.05 -3.28
CA PRO A 481 -7.91 14.13 -2.25
C PRO A 481 -9.40 13.91 -2.48
N VAL A 482 -9.85 12.66 -2.40
CA VAL A 482 -11.27 12.36 -2.62
C VAL A 482 -11.90 11.87 -1.31
N TYR A 483 -11.38 10.76 -0.77
CA TYR A 483 -11.93 10.25 0.47
C TYR A 483 -10.95 9.35 1.22
N TYR A 484 -11.22 9.16 2.51
CA TYR A 484 -10.41 8.25 3.32
C TYR A 484 -11.18 6.92 3.28
N TYR A 485 -10.51 5.87 2.82
CA TYR A 485 -11.17 4.59 2.69
C TYR A 485 -11.59 4.01 4.06
N VAL A 486 -12.52 3.07 3.93
CA VAL A 486 -12.95 2.21 5.00
C VAL A 486 -12.58 0.80 4.43
N ASN A 487 -12.26 -0.12 5.30
CA ASN A 487 -11.89 -1.47 4.84
C ASN A 487 -13.18 -2.31 4.80
N ALA A 488 -13.84 -2.28 3.64
CA ALA A 488 -15.07 -3.03 3.45
C ALA A 488 -14.83 -4.25 2.56
N ARG A 489 -15.26 -5.42 3.04
CA ARG A 489 -15.10 -6.66 2.29
C ARG A 489 -16.04 -7.71 2.83
N LEU A 490 -16.26 -8.78 2.06
CA LEU A 490 -17.13 -9.85 2.56
C LEU A 490 -16.25 -11.00 3.06
N VAL A 491 -16.58 -11.55 4.22
CA VAL A 491 -15.84 -12.65 4.83
C VAL A 491 -16.85 -13.71 5.28
N LYS A 492 -16.73 -14.92 4.76
CA LYS A 492 -17.68 -15.98 5.12
C LYS A 492 -17.68 -16.16 6.63
N PRO A 493 -18.82 -16.55 7.20
CA PRO A 493 -18.99 -16.77 8.62
C PRO A 493 -18.04 -17.80 9.20
N TRP A 494 -17.60 -18.78 8.41
CA TRP A 494 -16.70 -19.83 8.81
C TRP A 494 -15.23 -19.43 8.79
N VAL A 495 -14.90 -18.23 8.32
CA VAL A 495 -13.49 -17.79 8.34
C VAL A 495 -13.21 -17.16 9.71
N GLY A 496 -12.39 -17.85 10.50
CA GLY A 496 -12.02 -17.34 11.82
C GLY A 496 -10.63 -16.68 11.76
N GLY A 497 -10.38 -15.78 12.70
CA GLY A 497 -9.10 -15.11 12.82
C GLY A 497 -9.02 -13.73 12.21
N TYR A 498 -10.03 -13.29 11.47
CA TYR A 498 -9.98 -11.95 10.86
C TYR A 498 -10.75 -10.98 11.75
N THR A 499 -10.01 -10.24 12.57
CA THR A 499 -10.60 -9.28 13.50
C THR A 499 -11.05 -8.01 12.81
N GLY A 500 -10.20 -7.47 11.94
CA GLY A 500 -10.49 -6.22 11.24
C GLY A 500 -10.03 -5.05 12.11
N LYS A 501 -9.26 -5.36 13.14
CA LYS A 501 -8.75 -4.38 14.08
C LYS A 501 -7.49 -3.68 13.57
N ASP A 502 -6.84 -4.31 12.60
CA ASP A 502 -5.62 -3.72 12.02
C ASP A 502 -6.00 -2.73 10.94
N PRO A 503 -5.71 -1.46 11.16
CA PRO A 503 -6.01 -0.39 10.23
C PRO A 503 -5.17 -0.43 8.96
N LEU A 504 -4.14 -1.26 8.93
CA LEU A 504 -3.29 -1.43 7.76
C LEU A 504 -3.72 -2.69 7.00
N ASP A 505 -4.61 -3.49 7.59
CA ASP A 505 -5.10 -4.73 7.00
C ASP A 505 -3.98 -5.65 6.55
N ASN A 506 -2.98 -5.85 7.42
CA ASN A 506 -1.86 -6.74 7.09
C ASN A 506 -2.19 -8.16 7.51
N ILE A 507 -3.03 -8.80 6.70
CA ILE A 507 -3.50 -10.16 6.97
C ILE A 507 -2.45 -11.21 6.61
N TYR A 508 -2.36 -12.21 7.47
CA TYR A 508 -1.51 -13.37 7.30
C TYR A 508 -2.44 -14.59 7.33
N VAL A 509 -2.44 -15.39 6.28
CA VAL A 509 -3.30 -16.59 6.26
C VAL A 509 -2.96 -17.58 7.36
N LYS A 510 -1.74 -17.56 7.89
CA LYS A 510 -1.33 -18.39 9.01
C LYS A 510 -2.10 -18.12 10.30
N ASN A 511 -2.78 -16.98 10.38
CA ASN A 511 -3.56 -16.60 11.55
C ASN A 511 -5.04 -16.95 11.42
N LEU A 512 -5.44 -17.43 10.24
CA LEU A 512 -6.84 -17.76 10.00
C LEU A 512 -7.12 -19.25 10.18
N TYR A 513 -8.42 -19.56 10.23
CA TYR A 513 -8.83 -20.96 10.39
C TYR A 513 -10.26 -21.13 9.87
N ILE A 514 -10.58 -22.33 9.40
CA ILE A 514 -11.93 -22.58 8.88
C ILE A 514 -12.74 -23.32 9.95
N ILE A 515 -13.84 -22.68 10.32
CA ILE A 515 -14.75 -23.26 11.31
C ILE A 515 -15.66 -24.28 10.62
N LYS A 516 -15.92 -25.41 11.28
CA LYS A 516 -16.81 -26.42 10.71
C LYS A 516 -18.13 -25.77 10.31
N HIS A 517 -18.57 -26.04 9.08
CA HIS A 517 -19.82 -25.46 8.59
C HIS A 517 -20.48 -26.39 7.56
N LYS B 1 1.71 1.40 0.53
CA LYS B 1 1.49 0.50 -0.65
C LYS B 1 0.36 1.02 -1.51
N ALA B 2 0.47 0.78 -2.81
CA ALA B 2 -0.51 1.26 -3.78
C ALA B 2 -1.78 0.42 -3.73
N LYS B 3 -2.94 1.13 -3.73
CA LYS B 3 -4.22 0.45 -3.71
C LYS B 3 -5.10 0.92 -4.87
#